data_4A26
#
_entry.id   4A26
#
_cell.length_a   117.220
_cell.length_b   220.080
_cell.length_c   56.310
_cell.angle_alpha   90.00
_cell.angle_beta   90.00
_cell.angle_gamma   90.00
#
_symmetry.space_group_name_H-M   'C 2 2 21'
#
loop_
_entity.id
_entity.type
_entity.pdbx_description
1 polymer 'PUTATIVE C-1-TETRAHYDROFOLATE SYNTHASE, CYTOPLASMIC'
2 non-polymer 'CHLORIDE ION'
3 water water
#
_entity_poly.entity_id   1
_entity_poly.type   'polypeptide(L)'
_entity_poly.pdbx_seq_one_letter_code
;GHMPSAQIIDGKAIAAAIRSELKDKVAALRELYGGRVPGLASIIVGQRMDSKKYVQLKHKAAAEVGMASFNVELPEDISQ
EVLEVNVEKLNNDPNCHGIIVQLPLPKHLNENRAIEKIHPHKDADALLPVNVGLLHYKGREPPFTPCTAKGVIVLLKRCG
IEMAGKRAVVLGRSNIVGAPVAALLMKENATVTIVHSGTSTEDMIDYLRTADIVIAAMGQPGYVKGEWIKEGAAVVDVGT
TPVPDPSRKDGYRLVGDVCFEEAAARAAWISPVPGGVGPMTIAMLLENTLEAFKAALGVS
;
_entity_poly.pdbx_strand_id   A,B
#
# COMPACT_ATOMS: atom_id res chain seq x y z
N SER A 5 -8.34 28.71 -21.91
CA SER A 5 -7.22 28.27 -21.02
C SER A 5 -7.75 27.51 -19.81
N ALA A 6 -6.86 26.77 -19.15
CA ALA A 6 -7.21 25.94 -18.01
C ALA A 6 -7.72 26.78 -16.85
N GLN A 7 -8.60 26.19 -16.06
CA GLN A 7 -9.15 26.84 -14.89
C GLN A 7 -8.26 26.49 -13.70
N ILE A 8 -8.27 27.35 -12.69
CA ILE A 8 -7.31 27.26 -11.60
C ILE A 8 -7.95 26.66 -10.36
N ILE A 9 -7.46 25.48 -9.98
CA ILE A 9 -7.93 24.79 -8.78
C ILE A 9 -7.48 25.57 -7.56
N ASP A 10 -8.36 26.45 -7.06
CA ASP A 10 -8.02 27.28 -5.91
C ASP A 10 -8.07 26.47 -4.60
N GLY A 11 -6.97 25.76 -4.33
CA GLY A 11 -6.81 24.99 -3.09
C GLY A 11 -6.99 25.81 -1.82
N LYS A 12 -6.50 27.04 -1.82
CA LYS A 12 -6.63 27.95 -0.67
C LYS A 12 -8.08 28.18 -0.28
N ALA A 13 -8.91 28.45 -1.30
CA ALA A 13 -10.33 28.67 -1.09
C ALA A 13 -11.04 27.39 -0.63
N ILE A 14 -10.77 26.28 -1.33
CA ILE A 14 -11.38 24.99 -1.01
C ILE A 14 -11.10 24.62 0.45
N ALA A 15 -9.85 24.77 0.87
CA ALA A 15 -9.45 24.54 2.26
C ALA A 15 -10.22 25.47 3.22
N ALA A 16 -10.40 26.72 2.82
CA ALA A 16 -11.16 27.69 3.60
C ALA A 16 -12.60 27.23 3.80
N ALA A 17 -13.21 26.74 2.72
CA ALA A 17 -14.56 26.19 2.79
C ALA A 17 -14.62 24.99 3.74
N ILE A 18 -13.59 24.15 3.69
CA ILE A 18 -13.52 22.96 4.53
C ILE A 18 -13.37 23.33 6.01
N ARG A 19 -12.51 24.29 6.32
CA ARG A 19 -12.35 24.76 7.70
C ARG A 19 -13.68 25.25 8.27
N SER A 20 -14.47 25.95 7.46
CA SER A 20 -15.80 26.41 7.85
C SER A 20 -16.73 25.24 8.14
N GLU A 21 -16.69 24.23 7.28
CA GLU A 21 -17.50 23.03 7.45
C GLU A 21 -17.13 22.27 8.73
N LEU A 22 -15.82 22.13 8.98
CA LEU A 22 -15.33 21.49 10.20
C LEU A 22 -15.77 22.27 11.43
N LYS A 23 -15.65 23.59 11.36
CA LYS A 23 -16.09 24.47 12.45
C LYS A 23 -17.53 24.16 12.84
N ASP A 24 -18.41 24.13 11.83
CA ASP A 24 -19.83 23.83 12.05
C ASP A 24 -20.04 22.43 12.62
N LYS A 25 -19.36 21.43 12.04
CA LYS A 25 -19.48 20.04 12.52
C LYS A 25 -19.06 19.92 13.98
N VAL A 26 -17.89 20.47 14.31
CA VAL A 26 -17.40 20.50 15.69
C VAL A 26 -18.39 21.20 16.64
N ALA A 27 -19.05 22.25 16.16
CA ALA A 27 -20.06 22.98 16.94
C ALA A 27 -21.33 22.16 17.12
N ALA A 28 -21.66 21.35 16.12
CA ALA A 28 -22.84 20.49 16.18
C ALA A 28 -22.64 19.35 17.19
N LEU A 29 -21.45 18.78 17.21
CA LEU A 29 -21.12 17.68 18.13
C LEU A 29 -21.03 18.15 19.59
N ARG A 30 -20.66 19.41 19.79
CA ARG A 30 -20.61 19.98 21.14
C ARG A 30 -21.97 19.92 21.83
N GLU A 31 -23.01 20.35 21.13
CA GLU A 31 -24.37 20.33 21.68
C GLU A 31 -24.77 18.90 22.05
N LEU A 32 -24.56 17.97 21.12
CA LEU A 32 -24.98 16.59 21.28
C LEU A 32 -24.18 15.78 22.31
N TYR A 33 -22.96 16.21 22.65
CA TYR A 33 -22.06 15.39 23.48
C TYR A 33 -21.42 16.12 24.66
N GLY A 34 -22.18 17.00 25.31
CA GLY A 34 -21.78 17.62 26.57
C GLY A 34 -20.68 18.66 26.49
N GLY A 35 -20.60 19.34 25.35
CA GLY A 35 -19.58 20.37 25.13
C GLY A 35 -18.19 19.82 24.87
N ARG A 36 -18.09 18.51 24.64
CA ARG A 36 -16.82 17.87 24.34
C ARG A 36 -16.36 18.23 22.93
N VAL A 37 -15.06 18.13 22.70
CA VAL A 37 -14.46 18.66 21.49
C VAL A 37 -13.19 17.87 21.13
N PRO A 38 -12.80 17.89 19.84
CA PRO A 38 -11.60 17.15 19.44
C PRO A 38 -10.32 17.81 19.93
N GLY A 39 -9.30 17.00 20.18
CA GLY A 39 -8.01 17.48 20.61
C GLY A 39 -6.96 17.03 19.63
N LEU A 40 -6.22 17.99 19.07
CA LEU A 40 -5.04 17.69 18.27
C LEU A 40 -3.82 17.94 19.14
N ALA A 41 -3.05 16.89 19.36
CA ALA A 41 -1.84 16.96 20.17
C ALA A 41 -0.62 16.89 19.26
N SER A 42 0.41 17.66 19.62
CA SER A 42 1.68 17.59 18.91
C SER A 42 2.84 17.45 19.90
N ILE A 43 3.90 16.80 19.45
CA ILE A 43 5.14 16.74 20.21
C ILE A 43 6.25 17.32 19.35
N ILE A 44 6.95 18.31 19.89
CA ILE A 44 8.12 18.88 19.25
C ILE A 44 9.29 18.78 20.22
N VAL A 45 10.45 18.40 19.69
CA VAL A 45 11.65 18.19 20.48
C VAL A 45 12.73 19.18 20.05
N GLY A 46 13.34 19.85 21.01
CA GLY A 46 14.25 20.94 20.72
C GLY A 46 13.50 22.22 20.39
N GLN A 47 14.17 23.13 19.70
CA GLN A 47 13.66 24.49 19.50
C GLN A 47 13.92 25.03 18.10
N ARG A 48 13.84 24.16 17.09
CA ARG A 48 13.96 24.57 15.69
C ARG A 48 12.84 25.55 15.34
N MET A 49 13.20 26.68 14.73
CA MET A 49 12.22 27.71 14.37
CA MET A 49 12.23 27.71 14.35
C MET A 49 11.31 27.25 13.22
N ASP A 50 11.79 26.29 12.43
CA ASP A 50 11.01 25.75 11.32
C ASP A 50 9.87 24.92 11.89
N SER A 51 10.22 24.01 12.81
CA SER A 51 9.25 23.12 13.46
C SER A 51 8.26 23.88 14.34
N LYS A 52 8.73 24.92 15.03
CA LYS A 52 7.87 25.73 15.90
C LYS A 52 6.82 26.51 15.09
N LYS A 53 7.24 27.06 13.96
CA LYS A 53 6.36 27.80 13.07
C LYS A 53 5.28 26.88 12.49
N TYR A 54 5.68 25.71 11.99
CA TYR A 54 4.72 24.75 11.41
C TYR A 54 3.66 24.39 12.44
N VAL A 55 4.11 24.15 13.67
CA VAL A 55 3.22 23.70 14.75
C VAL A 55 2.25 24.80 15.17
N GLN A 56 2.68 26.06 15.11
CA GLN A 56 1.79 27.19 15.39
CA GLN A 56 1.78 27.17 15.40
C GLN A 56 0.63 27.19 14.39
N LEU A 57 0.97 27.16 13.10
CA LEU A 57 -0.02 27.18 12.02
C LEU A 57 -1.08 26.08 12.15
N LYS A 58 -0.66 24.87 12.50
CA LYS A 58 -1.61 23.78 12.70
C LYS A 58 -2.53 24.09 13.87
N HIS A 59 -1.97 24.61 14.96
CA HIS A 59 -2.73 24.89 16.18
C HIS A 59 -3.65 26.09 16.02
N LYS A 60 -3.29 27.03 15.14
CA LYS A 60 -4.16 28.17 14.84
C LYS A 60 -5.37 27.69 14.02
N ALA A 61 -5.12 26.86 13.02
CA ALA A 61 -6.20 26.24 12.25
C ALA A 61 -7.14 25.46 13.18
N ALA A 62 -6.56 24.73 14.11
CA ALA A 62 -7.35 23.98 15.11
C ALA A 62 -8.17 24.90 16.01
N ALA A 63 -7.64 26.08 16.30
CA ALA A 63 -8.37 27.08 17.08
C ALA A 63 -9.55 27.69 16.31
N GLU A 64 -9.38 27.91 15.00
CA GLU A 64 -10.45 28.45 14.15
C GLU A 64 -11.67 27.52 14.06
N VAL A 65 -11.43 26.22 14.16
CA VAL A 65 -12.47 25.20 14.05
C VAL A 65 -13.08 24.84 15.41
N GLY A 66 -12.48 25.33 16.49
CA GLY A 66 -13.00 25.09 17.84
C GLY A 66 -12.54 23.79 18.47
N MET A 67 -11.40 23.28 18.00
CA MET A 67 -10.78 22.10 18.59
C MET A 67 -9.89 22.50 19.76
N ALA A 68 -9.64 21.54 20.65
CA ALA A 68 -8.65 21.73 21.70
C ALA A 68 -7.27 21.48 21.11
N SER A 69 -6.25 22.07 21.73
CA SER A 69 -4.89 21.95 21.22
C SER A 69 -3.97 21.52 22.35
N PHE A 70 -3.08 20.57 22.06
CA PHE A 70 -2.15 20.07 23.06
C PHE A 70 -0.72 20.07 22.53
N ASN A 71 0.04 21.10 22.90
CA ASN A 71 1.44 21.19 22.52
C ASN A 71 2.34 20.72 23.65
N VAL A 72 3.13 19.69 23.37
CA VAL A 72 4.15 19.19 24.30
C VAL A 72 5.51 19.58 23.72
N GLU A 73 6.27 20.38 24.47
CA GLU A 73 7.60 20.81 24.03
C GLU A 73 8.70 20.22 24.90
N LEU A 74 9.41 19.24 24.36
CA LEU A 74 10.49 18.55 25.07
C LEU A 74 11.85 19.16 24.72
N PRO A 75 12.82 19.12 25.66
CA PRO A 75 14.15 19.62 25.38
C PRO A 75 14.84 18.94 24.20
N GLU A 76 15.87 19.58 23.66
CA GLU A 76 16.56 19.08 22.46
C GLU A 76 17.40 17.84 22.75
N ASP A 77 17.88 17.71 23.98
CA ASP A 77 18.82 16.65 24.37
C ASP A 77 18.15 15.52 25.18
N ILE A 78 16.86 15.31 24.94
CA ILE A 78 16.06 14.40 25.76
C ILE A 78 16.17 12.94 25.30
N SER A 79 15.94 12.01 26.23
CA SER A 79 16.00 10.58 25.96
C SER A 79 14.94 10.12 24.98
N GLN A 80 15.23 9.05 24.25
CA GLN A 80 14.22 8.33 23.48
C GLN A 80 13.13 7.84 24.42
N GLU A 81 13.54 7.21 25.52
CA GLU A 81 12.60 6.66 26.50
C GLU A 81 11.61 7.73 26.97
N VAL A 82 12.13 8.90 27.33
CA VAL A 82 11.32 9.99 27.87
C VAL A 82 10.36 10.56 26.82
N LEU A 83 10.82 10.70 25.58
CA LEU A 83 9.95 11.09 24.47
C LEU A 83 8.78 10.13 24.37
N GLU A 84 9.07 8.84 24.29
CA GLU A 84 8.06 7.81 24.15
C GLU A 84 7.06 7.77 25.31
N VAL A 85 7.53 8.09 26.51
CA VAL A 85 6.66 8.21 27.69
C VAL A 85 5.60 9.28 27.46
N ASN A 86 6.04 10.45 26.98
CA ASN A 86 5.11 11.53 26.65
C ASN A 86 4.17 11.16 25.51
N VAL A 87 4.66 10.38 24.56
CA VAL A 87 3.80 9.86 23.49
C VAL A 87 2.75 8.93 24.08
N GLU A 88 3.17 8.07 25.01
CA GLU A 88 2.25 7.15 25.69
C GLU A 88 1.22 7.91 26.54
N LYS A 89 1.65 8.99 27.19
CA LYS A 89 0.74 9.83 27.96
C LYS A 89 -0.39 10.35 27.06
N LEU A 90 -0.03 10.81 25.87
CA LEU A 90 -1.01 11.29 24.89
C LEU A 90 -1.89 10.15 24.37
N ASN A 91 -1.32 8.95 24.20
CA ASN A 91 -2.11 7.78 23.82
C ASN A 91 -3.24 7.55 24.81
N ASN A 92 -2.90 7.60 26.10
CA ASN A 92 -3.85 7.36 27.19
C ASN A 92 -4.60 8.61 27.66
N ASP A 93 -4.50 9.71 26.90
CA ASP A 93 -5.23 10.94 27.20
C ASP A 93 -6.49 11.01 26.33
N PRO A 94 -7.67 10.81 26.94
CA PRO A 94 -8.90 10.81 26.14
C PRO A 94 -9.34 12.19 25.63
N ASN A 95 -8.71 13.26 26.12
CA ASN A 95 -8.95 14.61 25.62
C ASN A 95 -8.26 14.83 24.27
N CYS A 96 -7.27 13.98 23.98
CA CYS A 96 -6.46 14.07 22.79
C CYS A 96 -6.81 12.92 21.86
N HIS A 97 -7.20 13.27 20.63
CA HIS A 97 -7.67 12.29 19.64
C HIS A 97 -6.70 12.10 18.49
N GLY A 98 -5.99 13.17 18.13
CA GLY A 98 -4.93 13.12 17.13
C GLY A 98 -3.58 13.40 17.76
N ILE A 99 -2.54 12.71 17.28
CA ILE A 99 -1.19 12.86 17.81
C ILE A 99 -0.19 12.93 16.66
N ILE A 100 0.50 14.07 16.55
CA ILE A 100 1.60 14.20 15.59
C ILE A 100 2.91 14.54 16.32
N VAL A 101 4.00 13.96 15.83
CA VAL A 101 5.32 14.29 16.30
C VAL A 101 5.99 15.12 15.22
N GLN A 102 6.35 16.35 15.54
CA GLN A 102 6.90 17.27 14.54
C GLN A 102 8.30 16.84 14.13
N LEU A 103 8.49 16.69 12.82
CA LEU A 103 9.74 16.20 12.27
C LEU A 103 10.52 17.32 11.58
N PRO A 104 11.85 17.19 11.45
CA PRO A 104 12.69 16.10 11.98
C PRO A 104 13.13 16.30 13.42
N LEU A 105 13.16 15.20 14.17
CA LEU A 105 13.70 15.19 15.53
C LEU A 105 15.21 15.33 15.49
N PRO A 106 15.84 15.66 16.64
CA PRO A 106 17.29 15.65 16.72
C PRO A 106 17.88 14.29 16.30
N LYS A 107 19.13 14.32 15.81
CA LYS A 107 19.74 13.14 15.21
C LYS A 107 19.82 11.94 16.16
N HIS A 108 20.05 12.19 17.45
CA HIS A 108 20.25 11.10 18.41
C HIS A 108 18.98 10.27 18.66
N LEU A 109 17.82 10.83 18.35
CA LEU A 109 16.55 10.11 18.52
C LEU A 109 16.18 9.30 17.28
N ASN A 110 15.44 8.22 17.50
CA ASN A 110 14.92 7.37 16.43
C ASN A 110 13.47 7.77 16.15
N GLU A 111 13.20 8.20 14.91
CA GLU A 111 11.88 8.74 14.55
C GLU A 111 10.84 7.64 14.37
N ASN A 112 11.14 6.65 13.53
CA ASN A 112 10.23 5.52 13.30
C ASN A 112 9.82 4.83 14.59
N ARG A 113 10.75 4.74 15.54
CA ARG A 113 10.50 4.12 16.84
C ARG A 113 9.61 5.00 17.72
N ALA A 114 9.81 6.32 17.66
CA ALA A 114 8.94 7.26 18.38
C ALA A 114 7.53 7.28 17.81
N ILE A 115 7.42 7.11 16.49
CA ILE A 115 6.12 7.06 15.82
C ILE A 115 5.37 5.74 16.06
N GLU A 116 6.11 4.65 16.24
CA GLU A 116 5.49 3.33 16.45
C GLU A 116 4.74 3.29 17.78
N LYS A 117 5.21 4.08 18.76
CA LYS A 117 4.55 4.21 20.06
C LYS A 117 3.14 4.77 19.96
N ILE A 118 2.88 5.59 18.94
CA ILE A 118 1.55 6.18 18.77
C ILE A 118 0.53 5.07 18.53
N HIS A 119 -0.62 5.17 19.18
CA HIS A 119 -1.69 4.22 18.98
C HIS A 119 -2.29 4.41 17.59
N PRO A 120 -2.49 3.30 16.84
CA PRO A 120 -3.02 3.36 15.48
C PRO A 120 -4.22 4.29 15.30
N HIS A 121 -5.10 4.34 16.31
CA HIS A 121 -6.33 5.12 16.23
C HIS A 121 -6.16 6.61 16.56
N LYS A 122 -4.93 7.03 16.90
CA LYS A 122 -4.63 8.45 17.11
C LYS A 122 -3.55 8.97 16.15
N ASP A 123 -3.21 8.16 15.15
CA ASP A 123 -2.14 8.48 14.20
C ASP A 123 -2.63 9.46 13.14
N ALA A 124 -2.75 10.72 13.51
CA ALA A 124 -3.35 11.75 12.65
C ALA A 124 -2.65 11.95 11.30
N ASP A 125 -1.34 11.74 11.25
CA ASP A 125 -0.58 11.86 9.98
C ASP A 125 -0.59 10.56 9.16
N ALA A 126 -1.02 9.45 9.77
CA ALA A 126 -1.08 8.16 9.08
C ALA A 126 0.32 7.66 8.72
N LEU A 127 1.25 7.77 9.65
CA LEU A 127 2.65 7.40 9.44
C LEU A 127 2.97 5.95 9.87
N LEU A 128 2.07 5.34 10.62
CA LEU A 128 2.23 3.96 11.06
C LEU A 128 2.05 3.00 9.89
N PRO A 129 2.85 1.91 9.84
CA PRO A 129 2.68 0.90 8.79
C PRO A 129 1.28 0.30 8.71
N VAL A 130 0.67 0.02 9.87
CA VAL A 130 -0.68 -0.54 9.91
C VAL A 130 -1.70 0.38 9.21
N ASN A 131 -1.58 1.69 9.39
CA ASN A 131 -2.44 2.64 8.66
C ASN A 131 -2.10 2.68 7.16
N VAL A 132 -0.80 2.61 6.85
CA VAL A 132 -0.36 2.49 5.47
C VAL A 132 -0.89 1.18 4.85
N GLY A 133 -0.90 0.12 5.65
CA GLY A 133 -1.45 -1.15 5.21
C GLY A 133 -2.92 -1.03 4.84
N LEU A 134 -3.72 -0.57 5.80
CA LEU A 134 -5.16 -0.37 5.58
C LEU A 134 -5.46 0.55 4.39
N LEU A 135 -4.59 1.53 4.15
CA LEU A 135 -4.72 2.43 3.00
C LEU A 135 -4.56 1.66 1.68
N HIS A 136 -3.66 0.68 1.65
CA HIS A 136 -3.44 -0.14 0.46
C HIS A 136 -4.33 -1.39 0.41
N TYR A 137 -4.94 -1.74 1.53
CA TYR A 137 -5.74 -2.96 1.66
C TYR A 137 -7.06 -2.82 0.90
N LYS A 138 -7.15 -3.42 -0.28
CA LYS A 138 -8.38 -3.39 -1.08
C LYS A 138 -9.49 -4.11 -0.33
N GLY A 139 -10.49 -3.36 0.12
CA GLY A 139 -11.60 -3.91 0.91
C GLY A 139 -11.63 -3.43 2.36
N ARG A 140 -10.77 -2.49 2.70
CA ARG A 140 -10.76 -1.89 4.03
C ARG A 140 -10.45 -0.40 3.95
N GLU A 141 -10.94 0.34 4.92
CA GLU A 141 -10.69 1.78 5.00
C GLU A 141 -9.90 2.11 6.26
N PRO A 142 -8.82 2.89 6.11
CA PRO A 142 -8.03 3.28 7.28
C PRO A 142 -8.72 4.40 8.06
N PRO A 143 -8.46 4.49 9.37
CA PRO A 143 -9.01 5.60 10.15
C PRO A 143 -8.46 6.95 9.67
N PHE A 144 -7.21 6.96 9.22
CA PHE A 144 -6.56 8.16 8.70
C PHE A 144 -5.88 7.89 7.37
N THR A 145 -6.05 8.82 6.43
CA THR A 145 -5.26 8.84 5.20
C THR A 145 -4.22 9.95 5.33
N PRO A 146 -3.06 9.81 4.67
CA PRO A 146 -2.05 10.86 4.72
C PRO A 146 -2.60 12.19 4.21
N CYS A 147 -2.40 13.25 4.98
CA CYS A 147 -3.06 14.53 4.76
C CYS A 147 -2.90 15.06 3.33
N THR A 148 -1.67 15.38 2.94
CA THR A 148 -1.42 15.94 1.60
C THR A 148 -2.04 15.04 0.53
N ALA A 149 -1.85 13.73 0.68
CA ALA A 149 -2.41 12.76 -0.26
C ALA A 149 -3.93 12.91 -0.36
N LYS A 150 -4.59 12.88 0.80
CA LYS A 150 -6.06 12.96 0.83
C LYS A 150 -6.56 14.29 0.25
N GLY A 151 -5.87 15.38 0.56
CA GLY A 151 -6.22 16.72 0.08
C GLY A 151 -6.06 16.91 -1.42
N VAL A 152 -5.23 16.09 -2.04
CA VAL A 152 -5.12 16.08 -3.50
C VAL A 152 -6.39 15.47 -4.12
N ILE A 153 -6.86 14.36 -3.56
CA ILE A 153 -8.09 13.72 -4.04
C ILE A 153 -9.30 14.63 -3.82
N VAL A 154 -9.36 15.30 -2.68
CA VAL A 154 -10.46 16.22 -2.35
C VAL A 154 -10.48 17.44 -3.27
N LEU A 155 -9.30 17.95 -3.62
CA LEU A 155 -9.17 18.96 -4.67
C LEU A 155 -9.91 18.56 -5.94
N LEU A 156 -9.75 17.30 -6.35
CA LEU A 156 -10.41 16.80 -7.56
C LEU A 156 -11.91 16.68 -7.37
N LYS A 157 -12.33 15.91 -6.37
CA LYS A 157 -13.76 15.72 -6.05
C LYS A 157 -14.51 17.04 -6.01
N ARG A 158 -13.91 18.03 -5.35
CA ARG A 158 -14.55 19.32 -5.13
C ARG A 158 -14.53 20.23 -6.37
N CYS A 159 -13.71 19.91 -7.35
CA CYS A 159 -13.75 20.58 -8.65
C CYS A 159 -14.61 19.82 -9.65
N GLY A 160 -15.20 18.72 -9.22
CA GLY A 160 -16.05 17.90 -10.08
C GLY A 160 -15.26 17.04 -11.05
N ILE A 161 -13.96 16.91 -10.79
CA ILE A 161 -13.07 16.19 -11.67
C ILE A 161 -13.25 14.68 -11.45
N GLU A 162 -13.74 14.01 -12.50
CA GLU A 162 -13.97 12.56 -12.47
C GLU A 162 -12.65 11.83 -12.34
N MET A 163 -12.63 10.81 -11.47
CA MET A 163 -11.51 9.89 -11.32
C MET A 163 -11.84 8.50 -11.87
N ALA A 164 -12.97 7.94 -11.48
CA ALA A 164 -13.37 6.61 -11.94
C ALA A 164 -13.38 6.49 -13.47
N GLY A 165 -12.71 5.47 -13.99
CA GLY A 165 -12.67 5.21 -15.42
C GLY A 165 -11.61 6.00 -16.19
N LYS A 166 -10.82 6.78 -15.46
CA LYS A 166 -9.83 7.66 -16.08
C LYS A 166 -8.42 7.08 -15.95
N ARG A 167 -7.51 7.59 -16.78
CA ARG A 167 -6.10 7.22 -16.69
C ARG A 167 -5.40 8.30 -15.86
N ALA A 168 -4.49 7.88 -15.00
CA ALA A 168 -3.79 8.79 -14.10
C ALA A 168 -2.31 8.46 -14.05
N VAL A 169 -1.49 9.51 -13.94
CA VAL A 169 -0.06 9.35 -13.74
C VAL A 169 0.37 10.12 -12.51
N VAL A 170 1.00 9.42 -11.56
CA VAL A 170 1.59 10.04 -10.39
C VAL A 170 3.08 10.13 -10.61
N LEU A 171 3.59 11.34 -10.80
CA LEU A 171 5.02 11.56 -10.91
C LEU A 171 5.62 11.56 -9.51
N GLY A 172 6.29 10.46 -9.16
CA GLY A 172 6.96 10.33 -7.86
C GLY A 172 6.32 9.26 -7.00
N ARG A 173 7.17 8.54 -6.26
CA ARG A 173 6.73 7.38 -5.46
C ARG A 173 7.08 7.56 -3.97
N SER A 174 7.22 8.81 -3.54
CA SER A 174 7.60 9.13 -2.17
C SER A 174 6.54 8.63 -1.19
N ASN A 175 7.00 8.16 -0.03
CA ASN A 175 6.11 7.71 1.05
C ASN A 175 5.08 8.75 1.45
N ILE A 176 5.49 10.02 1.42
CA ILE A 176 4.72 11.12 1.99
C ILE A 176 3.60 11.62 1.07
N VAL A 177 3.76 11.45 -0.24
CA VAL A 177 2.73 11.90 -1.19
C VAL A 177 2.49 10.91 -2.32
N GLY A 178 3.51 10.66 -3.13
CA GLY A 178 3.41 9.81 -4.32
C GLY A 178 2.72 8.47 -4.12
N ALA A 179 3.26 7.65 -3.22
CA ALA A 179 2.74 6.31 -3.00
C ALA A 179 1.30 6.30 -2.49
N PRO A 180 1.00 7.05 -1.41
CA PRO A 180 -0.37 7.06 -0.93
C PRO A 180 -1.38 7.58 -1.95
N VAL A 181 -1.09 8.70 -2.61
CA VAL A 181 -2.03 9.28 -3.57
C VAL A 181 -2.29 8.38 -4.77
N ALA A 182 -1.28 7.59 -5.17
CA ALA A 182 -1.46 6.64 -6.25
C ALA A 182 -2.50 5.58 -5.89
N ALA A 183 -2.52 5.16 -4.62
CA ALA A 183 -3.47 4.15 -4.17
C ALA A 183 -4.87 4.75 -3.96
N LEU A 184 -4.92 6.01 -3.55
CA LEU A 184 -6.21 6.68 -3.36
C LEU A 184 -6.93 6.86 -4.70
N LEU A 185 -6.17 7.19 -5.74
CA LEU A 185 -6.72 7.29 -7.09
C LEU A 185 -7.19 5.94 -7.65
N MET A 186 -6.45 4.87 -7.36
CA MET A 186 -6.88 3.51 -7.77
C MET A 186 -8.10 3.09 -6.99
N LYS A 187 -8.13 3.44 -5.72
CA LYS A 187 -9.30 3.21 -4.86
C LYS A 187 -10.52 3.95 -5.42
N GLU A 188 -10.27 5.08 -6.09
CA GLU A 188 -11.32 5.84 -6.74
C GLU A 188 -11.57 5.34 -8.19
N ASN A 189 -10.90 4.23 -8.54
CA ASN A 189 -11.10 3.51 -9.80
C ASN A 189 -10.52 4.20 -11.04
N ALA A 190 -9.53 5.06 -10.82
CA ALA A 190 -8.69 5.55 -11.91
C ALA A 190 -7.62 4.50 -12.10
N THR A 191 -7.18 4.32 -13.34
CA THR A 191 -6.13 3.36 -13.63
C THR A 191 -4.81 4.12 -13.53
N VAL A 192 -3.97 3.69 -12.58
CA VAL A 192 -2.84 4.51 -12.14
C VAL A 192 -1.50 3.94 -12.56
N THR A 193 -0.62 4.83 -13.04
CA THR A 193 0.79 4.50 -13.31
C THR A 193 1.69 5.43 -12.48
N ILE A 194 2.63 4.84 -11.76
CA ILE A 194 3.53 5.61 -10.91
C ILE A 194 4.88 5.74 -11.60
N VAL A 195 5.20 6.96 -12.04
CA VAL A 195 6.50 7.25 -12.64
C VAL A 195 7.49 7.63 -11.54
N HIS A 196 8.75 7.21 -11.71
CA HIS A 196 9.78 7.39 -10.70
C HIS A 196 11.19 7.47 -11.33
N SER A 197 12.22 7.54 -10.50
CA SER A 197 13.62 7.68 -10.97
C SER A 197 14.06 6.60 -11.95
N GLY A 198 13.47 5.41 -11.83
CA GLY A 198 13.76 4.31 -12.75
C GLY A 198 13.05 4.45 -14.08
N THR A 199 12.01 5.28 -14.12
CA THR A 199 11.21 5.46 -15.34
C THR A 199 11.98 6.24 -16.39
N SER A 200 11.94 5.74 -17.62
CA SER A 200 12.55 6.41 -18.75
C SER A 200 11.81 7.69 -19.05
N THR A 201 12.51 8.67 -19.62
CA THR A 201 11.90 9.94 -20.01
CA THR A 201 11.90 9.93 -20.02
C THR A 201 10.88 9.70 -21.11
N GLU A 202 11.22 8.86 -22.08
CA GLU A 202 10.32 8.59 -23.21
C GLU A 202 9.03 7.93 -22.74
N ASP A 203 9.15 6.99 -21.80
CA ASP A 203 7.99 6.33 -21.22
C ASP A 203 7.19 7.33 -20.39
N MET A 204 7.86 8.02 -19.47
CA MET A 204 7.20 9.07 -18.69
C MET A 204 6.35 9.93 -19.62
N ILE A 205 6.96 10.47 -20.67
CA ILE A 205 6.24 11.24 -21.66
C ILE A 205 5.07 10.45 -22.27
N ASP A 206 5.30 9.18 -22.61
CA ASP A 206 4.27 8.36 -23.24
C ASP A 206 3.07 8.16 -22.32
N TYR A 207 3.34 7.87 -21.05
CA TYR A 207 2.28 7.72 -20.05
C TYR A 207 1.47 9.00 -19.89
N LEU A 208 2.16 10.14 -19.79
CA LEU A 208 1.50 11.44 -19.66
C LEU A 208 0.63 11.81 -20.87
N ARG A 209 0.99 11.32 -22.04
CA ARG A 209 0.28 11.62 -23.28
C ARG A 209 -1.22 11.27 -23.20
N THR A 210 -1.55 10.23 -22.43
CA THR A 210 -2.94 9.80 -22.29
C THR A 210 -3.51 10.01 -20.89
N ALA A 211 -2.79 10.74 -20.03
CA ALA A 211 -3.19 10.93 -18.63
C ALA A 211 -4.27 11.98 -18.49
N ASP A 212 -5.46 11.54 -18.09
CA ASP A 212 -6.57 12.44 -17.80
C ASP A 212 -6.31 13.22 -16.51
N ILE A 213 -5.54 12.61 -15.61
CA ILE A 213 -5.15 13.24 -14.36
C ILE A 213 -3.63 13.13 -14.25
N VAL A 214 -3.00 14.15 -13.65
CA VAL A 214 -1.55 14.14 -13.45
C VAL A 214 -1.23 14.76 -12.09
N ILE A 215 -0.44 14.03 -11.31
CA ILE A 215 -0.03 14.47 -9.99
C ILE A 215 1.49 14.65 -10.04
N ALA A 216 1.93 15.91 -9.97
CA ALA A 216 3.34 16.24 -10.03
C ALA A 216 3.92 16.30 -8.62
N ALA A 217 4.62 15.23 -8.22
CA ALA A 217 5.14 15.10 -6.86
C ALA A 217 6.61 14.72 -6.81
N MET A 218 7.35 14.96 -7.88
CA MET A 218 8.77 14.57 -7.92
C MET A 218 9.64 15.49 -7.06
N GLY A 219 9.29 16.77 -7.04
CA GLY A 219 10.04 17.79 -6.29
C GLY A 219 11.12 18.50 -7.11
N GLN A 220 10.94 18.50 -8.44
CA GLN A 220 11.86 19.15 -9.37
C GLN A 220 11.23 20.43 -9.92
N PRO A 221 11.79 21.61 -9.59
CA PRO A 221 11.13 22.83 -10.05
C PRO A 221 11.03 22.94 -11.58
N GLY A 222 9.81 23.10 -12.06
CA GLY A 222 9.54 23.43 -13.47
C GLY A 222 10.08 22.44 -14.48
N TYR A 223 9.65 21.19 -14.38
CA TYR A 223 10.13 20.15 -15.30
C TYR A 223 9.03 19.48 -16.13
N VAL A 224 7.78 19.49 -15.64
CA VAL A 224 6.66 18.96 -16.43
C VAL A 224 6.27 20.01 -17.47
N LYS A 225 6.63 19.77 -18.72
CA LYS A 225 6.32 20.69 -19.81
C LYS A 225 4.84 20.59 -20.18
N GLY A 226 4.24 21.73 -20.51
CA GLY A 226 2.83 21.81 -20.89
C GLY A 226 2.41 20.91 -22.04
N GLU A 227 3.31 20.69 -22.99
CA GLU A 227 3.00 19.86 -24.15
C GLU A 227 2.85 18.37 -23.83
N TRP A 228 3.40 17.94 -22.70
CA TRP A 228 3.28 16.53 -22.28
C TRP A 228 1.90 16.26 -21.69
N ILE A 229 1.20 17.30 -21.29
CA ILE A 229 -0.09 17.18 -20.65
C ILE A 229 -1.16 16.97 -21.73
N LYS A 230 -2.02 15.98 -21.53
CA LYS A 230 -3.10 15.70 -22.46
C LYS A 230 -4.09 16.85 -22.47
N GLU A 231 -4.54 17.23 -23.66
CA GLU A 231 -5.46 18.34 -23.83
C GLU A 231 -6.77 18.05 -23.08
N GLY A 232 -7.05 18.84 -22.05
CA GLY A 232 -8.24 18.68 -21.21
C GLY A 232 -7.97 18.01 -19.86
N ALA A 233 -6.70 17.71 -19.59
CA ALA A 233 -6.32 16.99 -18.38
C ALA A 233 -6.46 17.85 -17.13
N ALA A 234 -6.43 17.19 -15.98
CA ALA A 234 -6.40 17.86 -14.69
C ALA A 234 -5.02 17.66 -14.10
N VAL A 235 -4.34 18.75 -13.76
CA VAL A 235 -2.99 18.68 -13.24
C VAL A 235 -2.90 19.25 -11.83
N VAL A 236 -2.44 18.42 -10.88
CA VAL A 236 -2.20 18.88 -9.50
C VAL A 236 -0.71 18.93 -9.20
N ASP A 237 -0.20 20.14 -8.98
CA ASP A 237 1.21 20.36 -8.72
C ASP A 237 1.46 20.33 -7.21
N VAL A 238 2.04 19.25 -6.72
CA VAL A 238 2.33 19.08 -5.30
C VAL A 238 3.80 19.41 -4.97
N GLY A 239 4.65 19.42 -5.99
CA GLY A 239 6.05 19.80 -5.81
C GLY A 239 6.21 21.26 -5.41
N THR A 240 7.21 21.52 -4.56
CA THR A 240 7.51 22.86 -4.07
C THR A 240 9.00 23.00 -3.83
N THR A 241 9.63 23.95 -4.52
CA THR A 241 11.07 24.18 -4.40
C THR A 241 11.38 25.68 -4.55
N PRO A 242 12.15 26.25 -3.61
CA PRO A 242 12.56 27.66 -3.76
C PRO A 242 13.58 27.86 -4.87
N VAL A 243 13.59 29.07 -5.46
CA VAL A 243 14.54 29.44 -6.51
C VAL A 243 15.02 30.87 -6.29
N PRO A 244 16.23 31.21 -6.79
CA PRO A 244 16.78 32.55 -6.56
C PRO A 244 16.44 33.58 -7.65
N ASP A 245 15.44 33.30 -8.49
CA ASP A 245 15.08 34.19 -9.60
C ASP A 245 14.54 35.56 -9.18
N PRO A 246 13.56 35.60 -8.26
CA PRO A 246 12.80 36.82 -8.04
C PRO A 246 13.49 37.82 -7.10
N SER A 247 13.56 39.07 -7.52
CA SER A 247 13.98 40.17 -6.67
C SER A 247 12.89 40.37 -5.61
N ARG A 248 13.15 39.91 -4.39
CA ARG A 248 12.13 39.86 -3.34
C ARG A 248 12.77 39.87 -1.96
N LYS A 249 11.95 40.09 -0.92
CA LYS A 249 12.36 39.89 0.46
C LYS A 249 12.50 38.38 0.67
N ASP A 250 13.69 37.96 1.12
CA ASP A 250 14.10 36.55 1.24
C ASP A 250 14.85 36.06 0.00
N GLY A 251 14.62 36.69 -1.15
CA GLY A 251 15.33 36.37 -2.38
C GLY A 251 14.96 35.03 -3.01
N TYR A 252 13.72 34.58 -2.78
CA TYR A 252 13.22 33.36 -3.40
C TYR A 252 11.70 33.29 -3.48
N ARG A 253 11.21 32.39 -4.33
CA ARG A 253 9.78 32.07 -4.40
C ARG A 253 9.60 30.57 -4.61
N LEU A 254 8.52 30.02 -4.06
CA LEU A 254 8.22 28.60 -4.26
C LEU A 254 7.77 28.37 -5.69
N VAL A 255 8.39 27.39 -6.35
CA VAL A 255 8.07 27.05 -7.73
C VAL A 255 7.74 25.55 -7.83
N GLY A 256 6.67 25.23 -8.54
CA GLY A 256 6.20 23.85 -8.64
C GLY A 256 6.90 23.05 -9.73
N ASP A 257 6.57 21.76 -9.78
CA ASP A 257 7.10 20.84 -10.80
C ASP A 257 6.62 21.19 -12.20
N VAL A 258 5.42 21.75 -12.29
CA VAL A 258 4.78 22.00 -13.57
C VAL A 258 5.11 23.41 -14.05
N CYS A 259 5.34 23.54 -15.35
CA CYS A 259 5.42 24.86 -15.98
C CYS A 259 3.99 25.34 -16.18
N PHE A 260 3.54 26.19 -15.27
CA PHE A 260 2.13 26.55 -15.19
C PHE A 260 1.58 27.16 -16.49
N GLU A 261 2.21 28.23 -16.95
CA GLU A 261 1.71 28.98 -18.11
C GLU A 261 1.67 28.14 -19.37
N GLU A 262 2.54 27.15 -19.47
CA GLU A 262 2.51 26.21 -20.59
C GLU A 262 1.36 25.22 -20.42
N ALA A 263 1.23 24.70 -19.20
CA ALA A 263 0.19 23.71 -18.90
C ALA A 263 -1.23 24.27 -19.00
N ALA A 264 -1.37 25.57 -18.78
CA ALA A 264 -2.69 26.23 -18.82
C ALA A 264 -3.29 26.27 -20.23
N ALA A 265 -2.45 26.31 -21.25
CA ALA A 265 -2.93 26.32 -22.64
C ALA A 265 -3.54 24.98 -23.07
N ARG A 266 -3.18 23.90 -22.38
CA ARG A 266 -3.63 22.55 -22.73
C ARG A 266 -4.57 21.91 -21.70
N ALA A 267 -4.31 22.13 -20.41
CA ALA A 267 -5.12 21.54 -19.34
C ALA A 267 -6.50 22.18 -19.25
N ALA A 268 -7.44 21.43 -18.67
CA ALA A 268 -8.75 21.96 -18.31
C ALA A 268 -8.74 22.47 -16.88
N TRP A 269 -8.05 21.76 -16.00
CA TRP A 269 -7.89 22.16 -14.61
C TRP A 269 -6.42 22.04 -14.19
N ILE A 270 -5.98 22.97 -13.34
CA ILE A 270 -4.63 22.95 -12.81
C ILE A 270 -4.59 23.65 -11.44
N SER A 271 -3.68 23.22 -10.58
CA SER A 271 -3.46 23.87 -9.28
C SER A 271 -2.05 24.44 -9.25
N PRO A 272 -1.93 25.77 -9.11
CA PRO A 272 -0.61 26.40 -9.18
C PRO A 272 0.16 26.28 -7.88
N VAL A 273 1.49 26.48 -7.94
CA VAL A 273 2.30 26.65 -6.75
C VAL A 273 2.80 28.09 -6.73
N PRO A 274 2.46 28.86 -5.67
CA PRO A 274 1.62 28.51 -4.51
C PRO A 274 0.15 28.37 -4.87
N GLY A 275 -0.62 27.72 -4.01
CA GLY A 275 -2.02 27.38 -4.28
C GLY A 275 -2.23 25.88 -4.37
N GLY A 276 -1.12 25.16 -4.58
CA GLY A 276 -1.13 23.70 -4.56
C GLY A 276 -1.01 23.25 -3.11
N VAL A 277 -1.92 22.37 -2.69
CA VAL A 277 -1.96 21.84 -1.32
C VAL A 277 -1.76 22.96 -0.28
N GLY A 278 -0.89 22.74 0.71
CA GLY A 278 -0.51 23.80 1.65
C GLY A 278 -1.49 23.93 2.78
N PRO A 279 -2.48 24.85 2.66
CA PRO A 279 -3.57 24.86 3.63
C PRO A 279 -4.55 23.68 3.51
N MET A 280 -4.51 22.96 2.40
CA MET A 280 -5.27 21.70 2.27
C MET A 280 -4.75 20.67 3.24
N THR A 281 -3.43 20.51 3.28
CA THR A 281 -2.76 19.53 4.15
C THR A 281 -3.17 19.73 5.61
N ILE A 282 -3.07 20.97 6.09
CA ILE A 282 -3.48 21.30 7.46
C ILE A 282 -4.98 21.11 7.67
N ALA A 283 -5.78 21.41 6.64
CA ALA A 283 -7.22 21.20 6.69
C ALA A 283 -7.54 19.72 6.81
N MET A 284 -6.87 18.92 5.98
CA MET A 284 -6.98 17.47 6.03
C MET A 284 -6.52 16.87 7.36
N LEU A 285 -5.54 17.50 8.00
CA LEU A 285 -5.13 17.09 9.35
C LEU A 285 -6.24 17.31 10.36
N LEU A 286 -7.00 18.39 10.21
CA LEU A 286 -8.13 18.67 11.10
C LEU A 286 -9.28 17.72 10.85
N GLU A 287 -9.55 17.41 9.57
CA GLU A 287 -10.61 16.47 9.22
C GLU A 287 -10.31 15.07 9.74
N ASN A 288 -9.08 14.62 9.52
CA ASN A 288 -8.58 13.40 10.12
C ASN A 288 -8.85 13.39 11.62
N THR A 289 -8.56 14.50 12.29
CA THR A 289 -8.73 14.61 13.74
C THR A 289 -10.19 14.65 14.16
N LEU A 290 -11.07 15.16 13.30
CA LEU A 290 -12.50 15.13 13.56
C LEU A 290 -12.99 13.68 13.55
N GLU A 291 -12.67 12.96 12.47
CA GLU A 291 -13.03 11.55 12.32
C GLU A 291 -12.60 10.71 13.52
N ALA A 292 -11.41 11.01 14.06
CA ALA A 292 -10.92 10.33 15.27
C ALA A 292 -11.82 10.60 16.46
N PHE A 293 -12.16 11.87 16.66
CA PHE A 293 -13.08 12.30 17.72
C PHE A 293 -14.48 11.75 17.48
N LYS A 294 -14.88 11.72 16.22
CA LYS A 294 -16.18 11.15 15.83
C LYS A 294 -16.17 9.65 16.08
N ALA A 295 -15.05 9.00 15.77
CA ALA A 295 -14.87 7.57 16.00
C ALA A 295 -14.86 7.23 17.49
N ALA A 296 -14.10 8.00 18.26
CA ALA A 296 -13.91 7.74 19.70
C ALA A 296 -15.18 7.87 20.52
N LEU A 297 -16.11 8.71 20.06
CA LEU A 297 -17.42 8.85 20.70
C LEU A 297 -18.37 7.69 20.35
N GLY A 298 -18.20 7.14 19.14
CA GLY A 298 -19.06 6.07 18.65
C GLY A 298 -19.94 6.50 17.49
N VAL A 299 -19.79 7.75 17.05
CA VAL A 299 -20.56 8.30 15.95
C VAL A 299 -19.97 7.87 14.61
N SER A 300 -20.84 7.47 13.68
CA SER A 300 -20.42 7.07 12.34
C SER A 300 -20.40 8.28 11.41
N ALA B 6 8.02 -18.92 -27.07
CA ALA B 6 7.93 -18.59 -25.62
C ALA B 6 8.64 -19.63 -24.77
N GLN B 7 9.35 -19.17 -23.76
CA GLN B 7 10.07 -20.05 -22.83
C GLN B 7 9.19 -20.34 -21.62
N ILE B 8 8.85 -21.62 -21.44
CA ILE B 8 8.00 -22.02 -20.34
C ILE B 8 8.72 -21.83 -19.00
N ILE B 9 8.24 -20.87 -18.21
CA ILE B 9 8.77 -20.59 -16.89
C ILE B 9 8.38 -21.73 -15.96
N ASP B 10 9.32 -22.63 -15.67
CA ASP B 10 9.01 -23.87 -14.96
C ASP B 10 9.07 -23.65 -13.45
N GLY B 11 7.95 -23.18 -12.89
CA GLY B 11 7.81 -22.98 -11.45
C GLY B 11 7.88 -24.28 -10.66
N LYS B 12 7.30 -25.34 -11.22
CA LYS B 12 7.37 -26.67 -10.60
C LYS B 12 8.82 -27.12 -10.41
N ALA B 13 9.65 -26.86 -11.42
CA ALA B 13 11.08 -27.18 -11.35
C ALA B 13 11.80 -26.25 -10.37
N ILE B 14 11.60 -24.95 -10.55
CA ILE B 14 12.26 -23.94 -9.72
C ILE B 14 11.90 -24.12 -8.24
N ALA B 15 10.62 -24.40 -7.98
CA ALA B 15 10.16 -24.65 -6.62
C ALA B 15 10.76 -25.94 -6.05
N ALA B 16 10.88 -26.95 -6.91
CA ALA B 16 11.55 -28.20 -6.54
C ALA B 16 12.98 -27.95 -6.08
N ALA B 17 13.66 -27.02 -6.74
CA ALA B 17 15.02 -26.62 -6.36
C ALA B 17 15.05 -25.93 -5.01
N ILE B 18 14.09 -25.02 -4.78
CA ILE B 18 14.01 -24.27 -3.53
C ILE B 18 13.62 -25.19 -2.37
N ARG B 19 12.66 -26.09 -2.60
CA ARG B 19 12.25 -27.06 -1.58
C ARG B 19 13.42 -27.85 -1.02
N SER B 20 14.32 -28.30 -1.89
CA SER B 20 15.51 -29.04 -1.45
C SER B 20 16.47 -28.13 -0.69
N GLU B 21 16.59 -26.88 -1.14
CA GLU B 21 17.41 -25.89 -0.43
C GLU B 21 16.88 -25.61 0.98
N LEU B 22 15.57 -25.69 1.15
CA LEU B 22 14.93 -25.52 2.47
C LEU B 22 15.10 -26.77 3.34
N LYS B 23 14.97 -27.95 2.73
CA LYS B 23 15.13 -29.21 3.45
C LYS B 23 16.53 -29.31 4.07
N ASP B 24 17.54 -29.01 3.26
CA ASP B 24 18.94 -29.06 3.70
C ASP B 24 19.25 -27.94 4.70
N LYS B 25 18.58 -26.80 4.56
CA LYS B 25 18.72 -25.70 5.50
C LYS B 25 18.08 -26.03 6.84
N VAL B 26 16.85 -26.55 6.80
CA VAL B 26 16.14 -26.99 7.99
C VAL B 26 16.87 -28.13 8.72
N ALA B 27 17.46 -29.05 7.95
CA ALA B 27 18.23 -30.15 8.51
C ALA B 27 19.39 -29.63 9.35
N ALA B 28 20.13 -28.67 8.81
CA ALA B 28 21.27 -28.06 9.51
C ALA B 28 20.86 -27.42 10.83
N LEU B 29 19.76 -26.68 10.81
CA LEU B 29 19.26 -25.97 11.99
C LEU B 29 18.75 -26.93 13.08
N ARG B 30 18.27 -28.10 12.66
CA ARG B 30 17.83 -29.13 13.60
C ARG B 30 19.01 -29.67 14.41
N GLU B 31 20.18 -29.77 13.78
CA GLU B 31 21.40 -30.18 14.47
C GLU B 31 21.86 -29.11 15.47
N LEU B 32 21.76 -27.84 15.06
CA LEU B 32 22.24 -26.72 15.89
C LEU B 32 21.31 -26.37 17.06
N TYR B 33 20.02 -26.67 16.92
CA TYR B 33 19.03 -26.28 17.94
C TYR B 33 18.10 -27.42 18.35
N GLY B 34 18.68 -28.47 18.96
CA GLY B 34 17.90 -29.58 19.51
C GLY B 34 17.01 -30.27 18.49
N GLY B 35 15.88 -30.80 18.96
CA GLY B 35 14.92 -31.46 18.07
C GLY B 35 13.89 -30.52 17.45
N ARG B 36 14.19 -29.22 17.43
CA ARG B 36 13.22 -28.20 17.03
C ARG B 36 13.12 -28.04 15.51
N VAL B 37 11.90 -27.87 15.02
CA VAL B 37 11.65 -27.60 13.60
C VAL B 37 10.52 -26.58 13.43
N PRO B 38 10.51 -25.85 12.28
CA PRO B 38 9.47 -24.84 12.03
C PRO B 38 8.06 -25.43 11.96
N GLY B 39 7.08 -24.62 12.38
CA GLY B 39 5.69 -25.06 12.44
C GLY B 39 4.78 -24.23 11.55
N LEU B 40 3.97 -24.91 10.74
CA LEU B 40 3.03 -24.26 9.84
C LEU B 40 1.61 -24.65 10.22
N ALA B 41 0.86 -23.70 10.78
CA ALA B 41 -0.53 -23.93 11.18
C ALA B 41 -1.48 -23.38 10.13
N SER B 42 -2.66 -23.97 10.04
CA SER B 42 -3.67 -23.55 9.07
C SER B 42 -5.08 -23.85 9.56
N ILE B 43 -5.81 -22.79 9.92
CA ILE B 43 -7.20 -22.91 10.36
C ILE B 43 -8.13 -23.00 9.14
N ILE B 44 -9.15 -23.85 9.25
CA ILE B 44 -10.14 -24.02 8.20
C ILE B 44 -11.53 -24.07 8.83
N VAL B 45 -12.39 -23.12 8.46
CA VAL B 45 -13.76 -23.11 8.93
C VAL B 45 -14.68 -23.68 7.85
N GLY B 46 -15.45 -24.71 8.20
CA GLY B 46 -16.31 -25.40 7.25
C GLY B 46 -15.53 -26.28 6.29
N GLN B 47 -16.09 -27.45 5.96
CA GLN B 47 -15.43 -28.38 5.04
C GLN B 47 -15.60 -27.98 3.58
N ARG B 48 -14.95 -26.88 3.18
CA ARG B 48 -14.99 -26.42 1.80
C ARG B 48 -14.04 -27.24 0.92
N MET B 49 -14.55 -27.70 -0.22
CA MET B 49 -13.82 -28.62 -1.10
C MET B 49 -12.55 -28.01 -1.70
N ASP B 50 -12.66 -26.78 -2.17
CA ASP B 50 -11.52 -26.09 -2.81
C ASP B 50 -10.36 -25.91 -1.82
N SER B 51 -10.66 -25.30 -0.68
CA SER B 51 -9.65 -24.99 0.34
C SER B 51 -9.02 -26.23 0.97
N LYS B 52 -9.79 -27.31 1.09
CA LYS B 52 -9.26 -28.58 1.63
C LYS B 52 -8.12 -29.15 0.78
N LYS B 53 -8.18 -28.93 -0.52
CA LYS B 53 -7.14 -29.43 -1.43
C LYS B 53 -5.81 -28.70 -1.23
N TYR B 54 -5.86 -27.37 -1.23
CA TYR B 54 -4.66 -26.53 -1.03
C TYR B 54 -3.97 -26.84 0.30
N VAL B 55 -4.75 -27.08 1.35
CA VAL B 55 -4.22 -27.43 2.66
C VAL B 55 -3.46 -28.77 2.61
N GLN B 56 -4.02 -29.75 1.90
CA GLN B 56 -3.36 -31.04 1.72
C GLN B 56 -2.00 -30.88 1.01
N LEU B 57 -1.98 -30.04 -0.03
CA LEU B 57 -0.74 -29.77 -0.76
C LEU B 57 0.25 -28.96 0.07
N LYS B 58 -0.26 -28.06 0.90
CA LYS B 58 0.59 -27.17 1.70
C LYS B 58 1.36 -27.88 2.80
N HIS B 59 0.72 -28.87 3.45
CA HIS B 59 1.37 -29.63 4.52
CA HIS B 59 1.39 -29.62 4.51
C HIS B 59 2.22 -30.77 3.95
N LYS B 60 1.95 -31.16 2.70
CA LYS B 60 2.76 -32.17 2.03
C LYS B 60 4.17 -31.64 1.81
N ALA B 61 4.26 -30.45 1.21
CA ALA B 61 5.53 -29.76 1.01
C ALA B 61 6.22 -29.44 2.35
N ALA B 62 5.42 -29.08 3.36
CA ALA B 62 5.92 -28.84 4.71
C ALA B 62 6.55 -30.12 5.29
N ALA B 63 5.87 -31.24 5.10
CA ALA B 63 6.40 -32.54 5.50
C ALA B 63 7.60 -32.94 4.65
N GLU B 64 7.53 -32.65 3.36
CA GLU B 64 8.61 -32.94 2.41
C GLU B 64 9.91 -32.19 2.76
N VAL B 65 9.78 -31.01 3.36
CA VAL B 65 10.94 -30.22 3.78
C VAL B 65 11.27 -30.44 5.26
N GLY B 66 10.48 -31.27 5.94
CA GLY B 66 10.75 -31.64 7.32
C GLY B 66 10.31 -30.59 8.33
N MET B 67 9.13 -30.02 8.10
CA MET B 67 8.51 -29.08 9.03
C MET B 67 7.34 -29.74 9.75
N ALA B 68 6.90 -29.11 10.83
CA ALA B 68 5.73 -29.58 11.57
C ALA B 68 4.49 -28.90 11.00
N SER B 69 3.37 -29.62 11.01
CA SER B 69 2.10 -29.09 10.51
C SER B 69 1.02 -29.19 11.59
N PHE B 70 0.23 -28.13 11.71
CA PHE B 70 -0.87 -28.08 12.69
C PHE B 70 -2.15 -27.67 11.97
N ASN B 71 -2.89 -28.66 11.46
CA ASN B 71 -4.09 -28.39 10.69
C ASN B 71 -5.34 -28.39 11.58
N VAL B 72 -5.77 -27.19 11.97
CA VAL B 72 -7.00 -27.00 12.71
C VAL B 72 -8.17 -26.89 11.73
N GLU B 73 -9.21 -27.70 11.94
CA GLU B 73 -10.44 -27.62 11.16
C GLU B 73 -11.62 -27.35 12.09
N LEU B 74 -12.50 -26.45 11.68
CA LEU B 74 -13.70 -26.11 12.45
C LEU B 74 -14.94 -26.26 11.57
N PRO B 75 -16.13 -26.39 12.19
CA PRO B 75 -17.35 -26.52 11.38
C PRO B 75 -17.83 -25.19 10.79
N GLU B 76 -18.89 -25.27 10.00
CA GLU B 76 -19.42 -24.12 9.27
C GLU B 76 -20.06 -23.10 10.21
N ASP B 77 -20.94 -23.57 11.09
CA ASP B 77 -21.68 -22.70 12.01
C ASP B 77 -20.90 -22.40 13.30
N ILE B 78 -19.80 -21.66 13.18
CA ILE B 78 -18.95 -21.33 14.32
C ILE B 78 -18.98 -19.83 14.61
N SER B 79 -19.00 -19.49 15.91
CA SER B 79 -18.96 -18.10 16.35
C SER B 79 -17.54 -17.54 16.19
N GLN B 80 -17.47 -16.22 15.99
CA GLN B 80 -16.19 -15.52 15.85
C GLN B 80 -15.26 -15.75 17.03
N GLU B 81 -15.81 -15.68 18.23
CA GLU B 81 -15.04 -15.85 19.46
C GLU B 81 -14.22 -17.14 19.44
N VAL B 82 -14.85 -18.24 19.04
CA VAL B 82 -14.17 -19.53 18.97
C VAL B 82 -13.04 -19.53 17.94
N LEU B 83 -13.29 -18.97 16.76
CA LEU B 83 -12.27 -18.85 15.71
C LEU B 83 -11.09 -18.01 16.18
N GLU B 84 -11.36 -16.96 16.94
CA GLU B 84 -10.31 -16.08 17.46
C GLU B 84 -9.55 -16.71 18.64
N VAL B 85 -10.20 -17.60 19.39
CA VAL B 85 -9.55 -18.32 20.48
C VAL B 85 -8.51 -19.31 19.91
N ASN B 86 -8.91 -20.02 18.86
CA ASN B 86 -8.03 -20.99 18.20
C ASN B 86 -6.80 -20.34 17.56
N VAL B 87 -6.95 -19.10 17.10
CA VAL B 87 -5.81 -18.33 16.57
C VAL B 87 -4.85 -17.94 17.71
N GLU B 88 -5.40 -17.45 18.81
CA GLU B 88 -4.63 -17.08 20.01
C GLU B 88 -3.91 -18.30 20.62
N LYS B 89 -4.52 -19.48 20.50
CA LYS B 89 -3.88 -20.73 20.91
C LYS B 89 -2.58 -20.95 20.11
N LEU B 90 -2.67 -20.78 18.79
CA LEU B 90 -1.52 -20.94 17.91
C LEU B 90 -0.50 -19.82 18.07
N ASN B 91 -0.96 -18.63 18.46
CA ASN B 91 -0.04 -17.53 18.82
C ASN B 91 0.82 -17.91 20.03
N ASN B 92 0.18 -18.43 21.07
CA ASN B 92 0.88 -18.81 22.30
C ASN B 92 1.68 -20.11 22.18
N ASP B 93 1.40 -20.90 21.13
CA ASP B 93 2.15 -22.12 20.86
C ASP B 93 3.54 -21.76 20.29
N PRO B 94 4.61 -22.06 21.05
CA PRO B 94 5.96 -21.75 20.56
C PRO B 94 6.45 -22.72 19.48
N ASN B 95 5.74 -23.84 19.32
CA ASN B 95 6.07 -24.85 18.33
C ASN B 95 5.42 -24.56 16.97
N CYS B 96 4.63 -23.49 16.91
CA CYS B 96 4.01 -23.01 15.67
C CYS B 96 4.58 -21.63 15.35
N HIS B 97 5.27 -21.52 14.21
CA HIS B 97 5.95 -20.29 13.84
C HIS B 97 5.27 -19.53 12.70
N GLY B 98 4.48 -20.25 11.91
CA GLY B 98 3.74 -19.66 10.79
C GLY B 98 2.26 -19.99 10.90
N ILE B 99 1.41 -18.96 10.84
CA ILE B 99 -0.03 -19.11 10.95
C ILE B 99 -0.70 -18.54 9.71
N ILE B 100 -1.58 -19.31 9.09
CA ILE B 100 -2.44 -18.80 8.02
C ILE B 100 -3.88 -19.20 8.28
N VAL B 101 -4.80 -18.32 7.89
CA VAL B 101 -6.23 -18.62 7.93
C VAL B 101 -6.71 -18.79 6.51
N GLN B 102 -7.13 -20.01 6.16
CA GLN B 102 -7.55 -20.32 4.79
C GLN B 102 -8.85 -19.60 4.42
N LEU B 103 -8.71 -18.54 3.63
CA LEU B 103 -9.84 -17.86 3.03
C LEU B 103 -10.39 -18.73 1.90
N PRO B 104 -11.66 -18.55 1.53
CA PRO B 104 -12.63 -17.61 2.10
C PRO B 104 -13.38 -18.22 3.27
N LEU B 105 -13.56 -17.44 4.33
CA LEU B 105 -14.34 -17.88 5.49
C LEU B 105 -15.84 -17.81 5.17
N PRO B 106 -16.68 -18.40 6.04
CA PRO B 106 -18.12 -18.25 5.88
C PRO B 106 -18.59 -16.80 5.98
N LYS B 107 -19.64 -16.45 5.22
CA LYS B 107 -20.14 -15.09 5.18
C LYS B 107 -20.41 -14.54 6.58
N HIS B 108 -20.94 -15.38 7.46
CA HIS B 108 -21.28 -14.95 8.81
C HIS B 108 -20.05 -14.62 9.67
N LEU B 109 -18.87 -15.08 9.24
CA LEU B 109 -17.62 -14.80 9.95
C LEU B 109 -16.88 -13.61 9.32
N ASN B 110 -16.40 -12.72 10.18
CA ASN B 110 -15.62 -11.56 9.77
C ASN B 110 -14.13 -11.92 9.62
N GLU B 111 -13.65 -11.91 8.37
CA GLU B 111 -12.27 -12.31 8.07
C GLU B 111 -11.27 -11.33 8.67
N ASN B 112 -11.50 -10.04 8.46
CA ASN B 112 -10.56 -8.99 8.87
C ASN B 112 -10.20 -9.08 10.35
N ARG B 113 -11.22 -9.16 11.20
CA ARG B 113 -11.03 -9.17 12.65
C ARG B 113 -10.38 -10.46 13.15
N ALA B 114 -10.56 -11.54 12.39
CA ALA B 114 -9.94 -12.83 12.70
C ALA B 114 -8.45 -12.81 12.34
N ILE B 115 -8.14 -12.30 11.15
CA ILE B 115 -6.75 -12.15 10.72
C ILE B 115 -5.98 -11.20 11.64
N GLU B 116 -6.66 -10.16 12.11
CA GLU B 116 -6.07 -9.18 13.01
C GLU B 116 -5.49 -9.83 14.29
N LYS B 117 -6.14 -10.90 14.75
CA LYS B 117 -5.70 -11.64 15.96
C LYS B 117 -4.35 -12.32 15.80
N ILE B 118 -3.96 -12.64 14.56
CA ILE B 118 -2.68 -13.29 14.30
C ILE B 118 -1.54 -12.36 14.69
N HIS B 119 -0.55 -12.88 15.40
CA HIS B 119 0.61 -12.07 15.81
C HIS B 119 1.42 -11.62 14.59
N PRO B 120 2.01 -10.41 14.64
CA PRO B 120 2.75 -9.88 13.48
C PRO B 120 3.97 -10.72 13.08
N HIS B 121 4.62 -11.34 14.06
CA HIS B 121 5.81 -12.17 13.77
C HIS B 121 5.48 -13.56 13.21
N LYS B 122 4.20 -13.95 13.26
CA LYS B 122 3.76 -15.25 12.71
C LYS B 122 2.92 -15.12 11.44
N ASP B 123 2.55 -13.91 11.06
CA ASP B 123 1.68 -13.67 9.90
C ASP B 123 2.39 -14.09 8.60
N ALA B 124 2.45 -15.41 8.38
CA ALA B 124 3.24 -15.99 7.30
C ALA B 124 2.76 -15.62 5.89
N ASP B 125 1.46 -15.34 5.76
CA ASP B 125 0.89 -14.96 4.46
C ASP B 125 0.97 -13.44 4.20
N ALA B 126 1.42 -12.68 5.20
CA ALA B 126 1.58 -11.23 5.09
C ALA B 126 0.26 -10.51 4.82
N LEU B 127 -0.76 -10.88 5.59
CA LEU B 127 -2.12 -10.33 5.43
C LEU B 127 -2.49 -9.27 6.47
N LEU B 128 -1.68 -9.13 7.51
CA LEU B 128 -1.88 -8.07 8.50
C LEU B 128 -1.56 -6.73 7.86
N PRO B 129 -2.43 -5.72 8.06
CA PRO B 129 -2.16 -4.37 7.55
C PRO B 129 -0.76 -3.85 7.90
N VAL B 130 -0.28 -4.14 9.10
CA VAL B 130 1.06 -3.71 9.51
C VAL B 130 2.14 -4.30 8.61
N ASN B 131 1.92 -5.51 8.11
CA ASN B 131 2.83 -6.15 7.16
C ASN B 131 2.62 -5.64 5.73
N VAL B 132 1.38 -5.32 5.39
CA VAL B 132 1.08 -4.72 4.09
C VAL B 132 1.74 -3.35 3.99
N GLY B 133 1.67 -2.59 5.09
CA GLY B 133 2.28 -1.27 5.17
C GLY B 133 3.79 -1.31 5.05
N LEU B 134 4.43 -2.09 5.92
CA LEU B 134 5.89 -2.24 5.91
C LEU B 134 6.41 -2.55 4.50
N LEU B 135 5.70 -3.42 3.78
CA LEU B 135 6.02 -3.73 2.38
C LEU B 135 6.04 -2.46 1.53
N HIS B 136 4.94 -1.71 1.56
CA HIS B 136 4.80 -0.51 0.72
C HIS B 136 5.67 0.67 1.15
N TYR B 137 6.08 0.68 2.42
CA TYR B 137 6.85 1.80 2.99
C TYR B 137 8.32 1.74 2.56
N LYS B 138 8.77 2.78 1.87
CA LYS B 138 10.17 2.86 1.39
C LYS B 138 11.14 3.04 2.56
N GLY B 139 12.18 2.23 2.59
CA GLY B 139 13.16 2.26 3.68
C GLY B 139 12.76 1.39 4.85
N ARG B 140 11.72 0.59 4.66
CA ARG B 140 11.23 -0.34 5.66
C ARG B 140 10.93 -1.65 4.95
N GLU B 141 11.38 -2.75 5.52
CA GLU B 141 11.17 -4.08 4.94
C GLU B 141 10.40 -4.94 5.95
N PRO B 142 9.32 -5.61 5.49
CA PRO B 142 8.46 -6.37 6.39
C PRO B 142 9.04 -7.74 6.77
N PRO B 143 8.55 -8.33 7.88
CA PRO B 143 8.94 -9.69 8.26
C PRO B 143 8.55 -10.76 7.22
N PHE B 144 7.40 -10.56 6.57
CA PHE B 144 6.94 -11.46 5.51
C PHE B 144 6.44 -10.69 4.30
N THR B 145 6.49 -11.34 3.15
CA THR B 145 5.87 -10.83 1.92
C THR B 145 4.79 -11.81 1.52
N PRO B 146 3.67 -11.31 0.95
CA PRO B 146 2.70 -12.27 0.45
C PRO B 146 3.34 -13.29 -0.50
N CYS B 147 3.02 -14.56 -0.30
CA CYS B 147 3.72 -15.67 -0.95
C CYS B 147 3.73 -15.56 -2.48
N THR B 148 2.54 -15.39 -3.06
CA THR B 148 2.41 -15.37 -4.52
C THR B 148 3.24 -14.26 -5.15
N ALA B 149 3.20 -13.07 -4.55
CA ALA B 149 3.94 -11.92 -5.05
C ALA B 149 5.44 -12.11 -4.92
N LYS B 150 5.89 -12.66 -3.79
CA LYS B 150 7.30 -12.99 -3.60
C LYS B 150 7.74 -13.97 -4.67
N GLY B 151 6.90 -14.96 -4.96
CA GLY B 151 7.20 -16.00 -5.94
C GLY B 151 7.37 -15.45 -7.34
N VAL B 152 6.42 -14.61 -7.76
CA VAL B 152 6.49 -13.97 -9.08
C VAL B 152 7.82 -13.26 -9.29
N ILE B 153 8.25 -12.49 -8.30
CA ILE B 153 9.54 -11.79 -8.39
C ILE B 153 10.70 -12.78 -8.48
N VAL B 154 10.63 -13.88 -7.73
CA VAL B 154 11.71 -14.87 -7.75
C VAL B 154 11.82 -15.53 -9.12
N LEU B 155 10.67 -15.86 -9.72
CA LEU B 155 10.65 -16.39 -11.09
C LEU B 155 11.21 -15.36 -12.09
N LEU B 156 10.89 -14.08 -11.85
CA LEU B 156 11.45 -12.99 -12.65
C LEU B 156 12.98 -12.94 -12.55
N LYS B 157 13.51 -12.92 -11.32
CA LYS B 157 14.96 -12.90 -11.11
C LYS B 157 15.63 -14.17 -11.64
N ARG B 158 15.07 -15.34 -11.32
CA ARG B 158 15.66 -16.62 -11.69
C ARG B 158 15.75 -16.83 -13.19
N CYS B 159 14.79 -16.30 -13.94
CA CYS B 159 14.77 -16.42 -15.40
C CYS B 159 15.62 -15.36 -16.12
N GLY B 160 16.23 -14.45 -15.35
CA GLY B 160 17.08 -13.40 -15.91
C GLY B 160 16.29 -12.32 -16.61
N ILE B 161 15.08 -12.07 -16.12
CA ILE B 161 14.18 -11.10 -16.71
C ILE B 161 14.38 -9.74 -16.04
N GLU B 162 14.72 -8.73 -16.83
CA GLU B 162 14.99 -7.39 -16.31
C GLU B 162 13.70 -6.71 -15.85
N MET B 163 13.77 -6.10 -14.66
CA MET B 163 12.67 -5.29 -14.14
C MET B 163 13.02 -3.81 -14.03
N ALA B 164 14.31 -3.47 -14.12
CA ALA B 164 14.76 -2.09 -13.99
C ALA B 164 14.58 -1.34 -15.31
N GLY B 165 13.78 -0.27 -15.28
CA GLY B 165 13.56 0.59 -16.45
C GLY B 165 12.60 0.00 -17.47
N LYS B 166 11.85 -1.02 -17.06
CA LYS B 166 10.95 -1.73 -17.95
C LYS B 166 9.51 -1.33 -17.68
N ARG B 167 8.64 -1.58 -18.65
CA ARG B 167 7.21 -1.25 -18.52
C ARG B 167 6.43 -2.49 -18.06
N ALA B 168 5.68 -2.35 -16.97
CA ALA B 168 5.02 -3.49 -16.34
C ALA B 168 3.53 -3.25 -16.13
N VAL B 169 2.69 -4.12 -16.72
CA VAL B 169 1.25 -4.10 -16.49
C VAL B 169 0.87 -5.23 -15.54
N VAL B 170 0.10 -4.91 -14.50
CA VAL B 170 -0.41 -5.91 -13.57
C VAL B 170 -1.93 -5.96 -13.67
N LEU B 171 -2.45 -7.08 -14.16
CA LEU B 171 -3.88 -7.28 -14.29
C LEU B 171 -4.45 -7.80 -12.97
N GLY B 172 -4.99 -6.88 -12.18
CA GLY B 172 -5.57 -7.20 -10.88
C GLY B 172 -4.93 -6.38 -9.78
N ARG B 173 -5.73 -6.05 -8.78
CA ARG B 173 -5.30 -5.24 -7.64
C ARG B 173 -5.64 -5.93 -6.32
N SER B 174 -5.56 -7.26 -6.29
CA SER B 174 -5.95 -8.03 -5.10
C SER B 174 -4.90 -7.90 -4.00
N ASN B 175 -5.32 -8.11 -2.76
CA ASN B 175 -4.41 -8.05 -1.61
C ASN B 175 -3.41 -9.20 -1.58
N ILE B 176 -3.81 -10.33 -2.18
CA ILE B 176 -2.98 -11.54 -2.19
C ILE B 176 -1.92 -11.55 -3.29
N VAL B 177 -2.22 -10.96 -4.44
CA VAL B 177 -1.34 -11.03 -5.60
C VAL B 177 -1.11 -9.68 -6.29
N GLY B 178 -2.19 -9.05 -6.74
CA GLY B 178 -2.10 -7.91 -7.64
C GLY B 178 -1.42 -6.69 -7.07
N ALA B 179 -1.89 -6.24 -5.92
CA ALA B 179 -1.30 -5.11 -5.23
C ALA B 179 0.16 -5.38 -4.89
N PRO B 180 0.43 -6.42 -4.08
CA PRO B 180 1.81 -6.62 -3.63
C PRO B 180 2.83 -6.79 -4.76
N VAL B 181 2.45 -7.52 -5.82
CA VAL B 181 3.33 -7.69 -6.98
C VAL B 181 3.67 -6.36 -7.63
N ALA B 182 2.68 -5.48 -7.70
CA ALA B 182 2.87 -4.14 -8.25
C ALA B 182 3.86 -3.34 -7.41
N ALA B 183 3.72 -3.41 -6.09
CA ALA B 183 4.62 -2.73 -5.16
C ALA B 183 6.06 -3.25 -5.30
N LEU B 184 6.20 -4.57 -5.43
CA LEU B 184 7.51 -5.19 -5.53
C LEU B 184 8.16 -4.94 -6.88
N LEU B 185 7.40 -5.07 -7.96
CA LEU B 185 7.87 -4.71 -9.30
C LEU B 185 8.41 -3.27 -9.30
N MET B 186 7.69 -2.36 -8.64
CA MET B 186 8.14 -0.97 -8.52
C MET B 186 9.44 -0.87 -7.72
N LYS B 187 9.54 -1.63 -6.63
CA LYS B 187 10.76 -1.67 -5.80
C LYS B 187 11.96 -2.14 -6.63
N GLU B 188 11.70 -2.91 -7.69
CA GLU B 188 12.74 -3.31 -8.63
C GLU B 188 12.90 -2.32 -9.82
N ASN B 189 12.46 -1.08 -9.61
CA ASN B 189 12.48 -0.03 -10.64
C ASN B 189 11.80 -0.38 -11.97
N ALA B 190 10.70 -1.14 -11.88
CA ALA B 190 9.78 -1.26 -12.99
C ALA B 190 8.74 -0.15 -12.89
N THR B 191 8.30 0.36 -14.04
CA THR B 191 7.26 1.39 -14.07
C THR B 191 5.91 0.69 -14.25
N VAL B 192 5.18 0.55 -13.14
CA VAL B 192 4.03 -0.34 -13.06
C VAL B 192 2.70 0.39 -13.21
N THR B 193 1.84 -0.16 -14.06
CA THR B 193 0.45 0.25 -14.15
C THR B 193 -0.42 -0.92 -13.68
N ILE B 194 -1.37 -0.65 -12.79
CA ILE B 194 -2.25 -1.69 -12.26
C ILE B 194 -3.63 -1.58 -12.91
N VAL B 195 -4.00 -2.60 -13.68
CA VAL B 195 -5.31 -2.68 -14.33
C VAL B 195 -6.29 -3.44 -13.43
N HIS B 196 -7.57 -3.08 -13.52
CA HIS B 196 -8.61 -3.63 -12.65
C HIS B 196 -10.00 -3.39 -13.26
N SER B 197 -11.06 -3.69 -12.51
CA SER B 197 -12.43 -3.61 -13.04
C SER B 197 -12.84 -2.21 -13.48
N GLY B 198 -12.30 -1.18 -12.82
CA GLY B 198 -12.54 0.21 -13.23
C GLY B 198 -11.93 0.59 -14.57
N THR B 199 -10.91 -0.15 -14.99
CA THR B 199 -10.22 0.11 -16.26
C THR B 199 -11.05 -0.38 -17.44
N SER B 200 -11.17 0.45 -18.47
CA SER B 200 -11.84 0.04 -19.70
C SER B 200 -10.96 -0.96 -20.44
N THR B 201 -11.59 -1.86 -21.19
CA THR B 201 -10.87 -2.90 -21.91
C THR B 201 -9.85 -2.35 -22.92
N GLU B 202 -10.23 -1.32 -23.65
CA GLU B 202 -9.31 -0.75 -24.65
C GLU B 202 -8.19 0.07 -24.02
N ASP B 203 -8.37 0.52 -22.77
CA ASP B 203 -7.27 1.08 -21.98
C ASP B 203 -6.30 -0.03 -21.58
N MET B 204 -6.84 -1.11 -21.02
CA MET B 204 -6.05 -2.29 -20.69
C MET B 204 -5.14 -2.66 -21.86
N ILE B 205 -5.76 -2.85 -23.02
CA ILE B 205 -5.05 -3.27 -24.23
C ILE B 205 -3.95 -2.27 -24.61
N ASP B 206 -4.22 -0.97 -24.45
CA ASP B 206 -3.22 0.06 -24.74
C ASP B 206 -2.05 0.01 -23.76
N TYR B 207 -2.33 -0.23 -22.48
CA TYR B 207 -1.28 -0.44 -21.50
C TYR B 207 -0.47 -1.70 -21.82
N LEU B 208 -1.16 -2.76 -22.23
CA LEU B 208 -0.50 -4.01 -22.62
C LEU B 208 0.38 -3.83 -23.86
N ARG B 209 -0.03 -2.92 -24.75
CA ARG B 209 0.66 -2.72 -26.02
C ARG B 209 2.17 -2.49 -25.86
N THR B 210 2.57 -1.88 -24.75
CA THR B 210 3.97 -1.53 -24.51
C THR B 210 4.58 -2.24 -23.29
N ALA B 211 3.84 -3.15 -22.66
CA ALA B 211 4.27 -3.80 -21.43
C ALA B 211 5.35 -4.86 -21.67
N ASP B 212 6.51 -4.69 -21.05
CA ASP B 212 7.61 -5.66 -21.11
C ASP B 212 7.35 -6.86 -20.20
N ILE B 213 6.62 -6.63 -19.11
CA ILE B 213 6.28 -7.66 -18.14
C ILE B 213 4.79 -7.58 -17.84
N VAL B 214 4.07 -8.69 -17.94
CA VAL B 214 2.64 -8.71 -17.67
C VAL B 214 2.29 -9.77 -16.62
N ILE B 215 1.46 -9.40 -15.66
CA ILE B 215 1.04 -10.31 -14.58
C ILE B 215 -0.47 -10.49 -14.61
N ALA B 216 -0.92 -11.68 -15.02
CA ALA B 216 -2.34 -11.99 -15.09
C ALA B 216 -2.82 -12.53 -13.74
N ALA B 217 -3.39 -11.65 -12.92
CA ALA B 217 -3.85 -12.01 -11.58
C ALA B 217 -5.33 -11.70 -11.35
N MET B 218 -6.09 -11.58 -12.44
CA MET B 218 -7.51 -11.26 -12.35
C MET B 218 -8.32 -12.44 -11.82
N GLY B 219 -7.92 -13.64 -12.21
CA GLY B 219 -8.65 -14.86 -11.84
C GLY B 219 -9.89 -15.13 -12.68
N GLN B 220 -9.80 -14.88 -13.99
CA GLN B 220 -10.86 -15.25 -14.93
C GLN B 220 -10.27 -16.10 -16.07
N PRO B 221 -10.70 -17.37 -16.17
CA PRO B 221 -10.03 -18.30 -17.09
C PRO B 221 -10.12 -17.91 -18.56
N GLY B 222 -8.97 -17.74 -19.20
CA GLY B 222 -8.90 -17.46 -20.63
C GLY B 222 -9.32 -16.04 -20.99
N TYR B 223 -8.93 -15.08 -20.17
CA TYR B 223 -9.27 -13.69 -20.39
C TYR B 223 -8.22 -12.99 -21.25
N VAL B 224 -6.97 -13.11 -20.85
CA VAL B 224 -5.87 -12.44 -21.53
C VAL B 224 -5.52 -13.15 -22.82
N LYS B 225 -5.78 -12.46 -23.95
CA LYS B 225 -5.50 -13.02 -25.27
C LYS B 225 -4.10 -12.63 -25.73
N GLY B 226 -3.51 -13.48 -26.56
CA GLY B 226 -2.14 -13.30 -27.04
C GLY B 226 -1.93 -12.05 -27.89
N GLU B 227 -2.98 -11.58 -28.53
CA GLU B 227 -2.89 -10.39 -29.38
C GLU B 227 -2.53 -9.11 -28.61
N TRP B 228 -2.79 -9.10 -27.29
CA TRP B 228 -2.52 -7.92 -26.46
C TRP B 228 -1.08 -7.83 -25.95
N ILE B 229 -0.40 -8.97 -25.91
CA ILE B 229 0.91 -9.06 -25.27
C ILE B 229 2.00 -8.56 -26.21
N LYS B 230 2.83 -7.65 -25.70
CA LYS B 230 3.96 -7.09 -26.46
C LYS B 230 4.87 -8.21 -26.91
N GLU B 231 5.29 -8.16 -28.18
CA GLU B 231 6.17 -9.18 -28.73
C GLU B 231 7.52 -9.08 -28.03
N GLY B 232 7.94 -10.18 -27.40
CA GLY B 232 9.18 -10.22 -26.63
C GLY B 232 8.99 -9.94 -25.14
N ALA B 233 7.75 -9.91 -24.67
CA ALA B 233 7.46 -9.66 -23.26
C ALA B 233 7.44 -10.97 -22.46
N ALA B 234 7.35 -10.83 -21.14
CA ALA B 234 7.25 -11.96 -20.22
C ALA B 234 5.91 -11.90 -19.51
N VAL B 235 5.20 -13.03 -19.46
CA VAL B 235 3.84 -13.08 -18.92
C VAL B 235 3.73 -14.13 -17.81
N VAL B 236 3.33 -13.69 -16.61
CA VAL B 236 3.14 -14.60 -15.47
C VAL B 236 1.66 -14.76 -15.17
N ASP B 237 1.14 -15.96 -15.43
CA ASP B 237 -0.27 -16.29 -15.24
C ASP B 237 -0.51 -16.79 -13.82
N VAL B 238 -0.85 -15.86 -12.92
CA VAL B 238 -1.11 -16.20 -11.53
C VAL B 238 -2.52 -16.79 -11.35
N GLY B 239 -3.38 -16.58 -12.35
CA GLY B 239 -4.71 -17.17 -12.37
C GLY B 239 -4.68 -18.68 -12.26
N THR B 240 -5.63 -19.24 -11.52
CA THR B 240 -5.67 -20.66 -11.22
C THR B 240 -7.06 -21.06 -10.75
N THR B 241 -8.04 -20.96 -11.65
CA THR B 241 -9.43 -21.33 -11.36
C THR B 241 -9.70 -22.75 -11.82
N PRO B 242 -10.44 -23.54 -11.02
CA PRO B 242 -10.75 -24.91 -11.38
C PRO B 242 -11.87 -25.00 -12.42
N VAL B 243 -11.58 -25.67 -13.54
CA VAL B 243 -12.58 -25.94 -14.57
C VAL B 243 -12.90 -27.45 -14.56
N PRO B 244 -14.19 -27.81 -14.66
CA PRO B 244 -14.57 -29.23 -14.61
C PRO B 244 -14.75 -29.87 -15.98
N ASP B 245 -13.81 -29.64 -16.90
CA ASP B 245 -13.92 -30.15 -18.27
C ASP B 245 -13.60 -31.66 -18.38
N PRO B 246 -12.36 -32.08 -18.00
CA PRO B 246 -11.96 -33.47 -18.25
C PRO B 246 -12.27 -34.40 -17.06
N SER B 247 -12.10 -35.69 -17.30
CA SER B 247 -12.29 -36.74 -16.27
C SER B 247 -13.31 -36.37 -15.21
N GLY B 251 -11.42 -35.26 -10.94
CA GLY B 251 -12.24 -34.91 -12.10
C GLY B 251 -12.33 -33.41 -12.31
N TYR B 252 -11.17 -32.75 -12.35
CA TYR B 252 -11.13 -31.30 -12.60
C TYR B 252 -9.84 -30.88 -13.30
N ARG B 253 -9.80 -29.64 -13.76
CA ARG B 253 -8.69 -29.10 -14.55
C ARG B 253 -8.38 -27.67 -14.10
N LEU B 254 -7.11 -27.30 -14.18
CA LEU B 254 -6.65 -26.03 -13.63
C LEU B 254 -6.21 -25.07 -14.74
N VAL B 255 -7.18 -24.32 -15.25
CA VAL B 255 -6.95 -23.38 -16.36
C VAL B 255 -6.69 -21.99 -15.81
N GLY B 256 -5.78 -21.25 -16.45
CA GLY B 256 -5.37 -19.92 -16.01
C GLY B 256 -5.96 -18.78 -16.80
N ASP B 257 -5.54 -17.56 -16.45
CA ASP B 257 -6.04 -16.32 -17.07
C ASP B 257 -5.56 -16.11 -18.50
N VAL B 258 -4.35 -16.59 -18.79
CA VAL B 258 -3.75 -16.36 -20.10
C VAL B 258 -4.18 -17.43 -21.10
N CYS B 259 -4.47 -17.01 -22.32
CA CYS B 259 -4.69 -17.93 -23.42
C CYS B 259 -3.30 -18.39 -23.90
N PHE B 260 -2.83 -19.47 -23.30
CA PHE B 260 -1.44 -19.92 -23.42
C PHE B 260 -0.93 -20.04 -24.86
N GLU B 261 -1.65 -20.80 -25.69
CA GLU B 261 -1.22 -21.04 -27.07
C GLU B 261 -1.17 -19.76 -27.92
N GLU B 262 -2.01 -18.78 -27.59
CA GLU B 262 -2.00 -17.48 -28.27
C GLU B 262 -0.83 -16.63 -27.79
N ALA B 263 -0.69 -16.52 -26.47
CA ALA B 263 0.37 -15.70 -25.86
C ALA B 263 1.77 -16.27 -26.08
N ALA B 264 1.88 -17.60 -26.14
CA ALA B 264 3.16 -18.26 -26.35
C ALA B 264 3.77 -17.92 -27.71
N ALA B 265 2.92 -17.65 -28.69
CA ALA B 265 3.36 -17.31 -30.04
C ALA B 265 3.99 -15.91 -30.15
N ARG B 266 3.87 -15.11 -29.09
CA ARG B 266 4.39 -13.73 -29.11
C ARG B 266 5.30 -13.38 -27.93
N ALA B 267 4.99 -13.88 -26.72
CA ALA B 267 5.77 -13.57 -25.53
C ALA B 267 7.09 -14.36 -25.51
N ALA B 268 8.15 -13.71 -25.02
CA ALA B 268 9.45 -14.38 -24.89
C ALA B 268 9.45 -15.38 -23.73
N TRP B 269 8.64 -15.09 -22.70
CA TRP B 269 8.45 -16.00 -21.58
C TRP B 269 6.96 -16.12 -21.26
N ILE B 270 6.57 -17.24 -20.66
CA ILE B 270 5.18 -17.45 -20.26
C ILE B 270 5.07 -18.54 -19.18
N SER B 271 4.47 -18.20 -18.04
CA SER B 271 4.23 -19.18 -16.97
C SER B 271 2.93 -19.94 -17.23
N PRO B 272 3.01 -21.28 -17.31
CA PRO B 272 1.82 -22.07 -17.59
C PRO B 272 0.98 -22.30 -16.34
N VAL B 273 -0.21 -22.86 -16.53
CA VAL B 273 -1.09 -23.25 -15.44
C VAL B 273 -1.76 -24.56 -15.85
N PRO B 274 -1.55 -25.64 -15.06
CA PRO B 274 -0.81 -25.73 -13.81
C PRO B 274 0.71 -25.73 -13.98
N GLY B 275 1.44 -25.88 -12.87
CA GLY B 275 2.89 -25.97 -12.89
C GLY B 275 3.59 -24.63 -13.09
N GLY B 276 2.97 -23.56 -12.59
CA GLY B 276 3.53 -22.21 -12.71
C GLY B 276 3.76 -21.59 -11.34
N VAL B 277 2.98 -20.57 -11.01
CA VAL B 277 3.15 -19.84 -9.76
C VAL B 277 2.53 -20.58 -8.56
N GLY B 278 1.76 -21.62 -8.84
CA GLY B 278 1.13 -22.43 -7.79
C GLY B 278 2.14 -23.08 -6.86
N PRO B 279 3.07 -23.88 -7.41
CA PRO B 279 4.12 -24.47 -6.58
C PRO B 279 5.09 -23.44 -5.99
N MET B 280 5.24 -22.29 -6.65
CA MET B 280 6.05 -21.20 -6.10
C MET B 280 5.43 -20.64 -4.82
N THR B 281 4.13 -20.38 -4.85
CA THR B 281 3.43 -19.83 -3.69
C THR B 281 3.50 -20.75 -2.48
N ILE B 282 3.52 -22.06 -2.72
CA ILE B 282 3.71 -23.04 -1.64
C ILE B 282 5.15 -22.97 -1.11
N ALA B 283 6.11 -22.90 -2.03
CA ALA B 283 7.52 -22.81 -1.67
C ALA B 283 7.82 -21.55 -0.85
N MET B 284 7.22 -20.44 -1.26
CA MET B 284 7.43 -19.16 -0.57
C MET B 284 6.79 -19.15 0.81
N LEU B 285 5.67 -19.85 0.96
CA LEU B 285 5.02 -20.00 2.26
C LEU B 285 5.93 -20.76 3.21
N LEU B 286 6.58 -21.81 2.70
CA LEU B 286 7.54 -22.56 3.47
C LEU B 286 8.79 -21.72 3.76
N GLU B 287 9.27 -20.97 2.77
CA GLU B 287 10.44 -20.12 2.96
C GLU B 287 10.14 -19.02 3.97
N ASN B 288 8.95 -18.44 3.89
CA ASN B 288 8.47 -17.52 4.92
C ASN B 288 8.52 -18.18 6.30
N THR B 289 7.92 -19.36 6.42
CA THR B 289 7.92 -20.11 7.67
C THR B 289 9.34 -20.41 8.14
N LEU B 290 10.20 -20.79 7.21
CA LEU B 290 11.61 -21.06 7.51
C LEU B 290 12.28 -19.80 8.03
N GLU B 291 11.99 -18.67 7.38
CA GLU B 291 12.54 -17.38 7.80
C GLU B 291 11.92 -16.95 9.13
N ALA B 292 10.67 -17.34 9.36
CA ALA B 292 9.99 -17.09 10.63
C ALA B 292 10.69 -17.80 11.78
N PHE B 293 11.05 -19.06 11.56
CA PHE B 293 11.77 -19.87 12.54
C PHE B 293 13.18 -19.34 12.74
N LYS B 294 13.84 -18.97 11.65
CA LYS B 294 15.20 -18.41 11.73
C LYS B 294 15.24 -17.10 12.50
N ALA B 295 14.15 -16.34 12.44
CA ALA B 295 14.02 -15.09 13.22
C ALA B 295 13.90 -15.40 14.70
N ALA B 296 13.14 -16.44 15.03
CA ALA B 296 12.92 -16.84 16.42
C ALA B 296 14.21 -17.27 17.12
N LEU B 297 15.19 -17.75 16.36
CA LEU B 297 16.46 -18.23 16.91
C LEU B 297 17.70 -17.61 16.23
N GLY B 298 17.52 -16.49 15.52
CA GLY B 298 18.60 -15.88 14.75
C GLY B 298 19.69 -15.27 15.60
#